data_3AY4
#
_entry.id   3AY4
#
_cell.length_a   77.262
_cell.length_b   77.262
_cell.length_c   350.343
_cell.angle_alpha   90.00
_cell.angle_beta   90.00
_cell.angle_gamma   90.00
#
_symmetry.space_group_name_H-M   'P 41 21 2'
#
loop_
_entity.id
_entity.type
_entity.pdbx_description
1 polymer 'Ig gamma-1 chain C region'
2 polymer 'Low affinity immunoglobulin gamma Fc region receptor III-A'
3 branched beta-D-galactopyranose-(1-4)-2-acetamido-2-deoxy-beta-D-glucopyranose-(1-2)-alpha-D-mannopyranose-(1-6)-[2-acetamido-2-deoxy-beta-D-glucopyranose-(1-2)-alpha-D-mannopyranose-(1-3)]beta-D-mannopyranose-(1-4)-2-acetamido-2-deoxy-beta-D-glucopyranose-(1-4)-2-acetamido-2-deoxy-beta-D-glucopyranose
4 branched 2-acetamido-2-deoxy-beta-D-glucopyranose-(1-2)-alpha-D-mannopyranose-(1-3)-[2-acetamido-2-deoxy-beta-D-glucopyranose-(1-2)-alpha-D-mannopyranose-(1-6)]beta-D-mannopyranose-(1-4)-2-acetamido-2-deoxy-beta-D-glucopyranose-(1-4)-[alpha-L-fucopyranose-(1-6)]2-acetamido-2-deoxy-beta-D-glucopyranose
5 branched beta-D-mannopyranose-(1-4)-2-acetamido-2-deoxy-beta-D-glucopyranose-(1-4)-2-acetamido-2-deoxy-beta-D-glucopyranose
6 water water
#
loop_
_entity_poly.entity_id
_entity_poly.type
_entity_poly.pdbx_seq_one_letter_code
_entity_poly.pdbx_strand_id
1 'polypeptide(L)'
;TCPPCPAPELLGGPSVFLFPPKPKDTLMISRTPEVTCVVVDVSHEDPEVKFNWYVDGVEVHNAKTKPREEQYNSTYRVVS
VLTVLHQDWLNGKEYKCKVSNKALPAPIEKTISKAKGQPREPQVYTLPPSRDELTKNQVSLTCLVKGFYPSDIAVEWESN
GQPENNYKTTPPVLDSDGSFFLYSKLTVDKSRWQQGNVFSCSVMHEALHNHYTQKSLSLSPGK
;
A,B
2 'polypeptide(L)'
;EDLPKAVVFLEPQWYRVLEKDSVTLKCQGAYSPEDQSTQWFHNESLISSQASSYFIDAATVDDSGEYRCQTQLSTLSDPV
QLEVHIGWLLLQAPRWVFKEEDPIHLRCHSWKNTALHKVTYLQNGKGRKYFHHNSDFYIPKATLKDSGSYFCRGLVGSKN
VSSETVQITITQGHHHHHH
;
C
#
# COMPACT_ATOMS: atom_id res chain seq x y z
N CYS A 5 -13.84 4.26 -16.67
CA CYS A 5 -13.98 3.52 -17.96
C CYS A 5 -12.90 3.95 -18.96
N PRO A 6 -12.96 5.21 -19.45
CA PRO A 6 -11.96 5.71 -20.38
C PRO A 6 -10.60 5.93 -19.70
N ALA A 7 -9.87 4.84 -19.47
CA ALA A 7 -8.63 4.90 -18.70
C ALA A 7 -7.46 4.10 -19.32
N PRO A 8 -7.31 4.15 -20.65
CA PRO A 8 -6.05 3.67 -21.24
C PRO A 8 -4.86 4.43 -20.66
N GLU A 9 -4.07 3.76 -19.83
CA GLU A 9 -3.11 4.44 -18.95
C GLU A 9 -1.87 4.99 -19.67
N LEU A 10 -1.52 6.23 -19.35
CA LEU A 10 -0.19 6.80 -19.63
C LEU A 10 0.90 5.81 -19.19
N LEU A 11 1.65 5.27 -20.16
CA LEU A 11 2.61 4.22 -19.85
C LEU A 11 4.03 4.53 -20.33
N GLY A 12 4.90 4.93 -19.41
CA GLY A 12 6.32 5.02 -19.67
C GLY A 12 6.84 6.45 -19.80
N GLY A 13 7.06 7.09 -18.64
CA GLY A 13 7.56 8.46 -18.62
C GLY A 13 7.42 9.03 -17.22
N PRO A 14 7.79 10.30 -17.04
CA PRO A 14 7.71 10.95 -15.73
C PRO A 14 6.26 10.95 -15.22
N SER A 15 6.10 10.91 -13.90
CA SER A 15 4.78 10.90 -13.26
C SER A 15 4.66 12.14 -12.38
N VAL A 16 3.44 12.62 -12.18
CA VAL A 16 3.21 13.86 -11.44
C VAL A 16 2.27 13.64 -10.26
N PHE A 17 2.66 14.17 -9.11
CA PHE A 17 1.79 14.17 -7.94
C PHE A 17 1.60 15.57 -7.40
N LEU A 18 0.35 15.93 -7.14
CA LEU A 18 0.01 17.29 -6.74
C LEU A 18 -0.60 17.26 -5.35
N PHE A 19 0.07 17.91 -4.41
CA PHE A 19 -0.28 17.82 -3.00
C PHE A 19 -0.86 19.12 -2.46
N PRO A 20 -1.90 19.03 -1.62
CA PRO A 20 -2.59 20.21 -1.07
C PRO A 20 -1.79 20.87 0.04
N PRO A 21 -2.17 22.10 0.44
CA PRO A 21 -1.55 22.70 1.62
C PRO A 21 -2.00 21.96 2.87
N LYS A 22 -1.25 22.11 3.96
CA LYS A 22 -1.66 21.61 5.26
C LYS A 22 -2.83 22.43 5.79
N PRO A 23 -3.82 21.76 6.42
CA PRO A 23 -4.99 22.49 6.89
C PRO A 23 -4.66 23.66 7.82
N LYS A 24 -3.79 23.43 8.79
CA LYS A 24 -3.42 24.48 9.72
C LYS A 24 -2.81 25.69 9.01
N ASP A 25 -2.11 25.45 7.90
CA ASP A 25 -1.52 26.53 7.12
C ASP A 25 -2.58 27.37 6.44
N THR A 26 -3.64 26.74 5.95
CA THR A 26 -4.71 27.50 5.30
C THR A 26 -5.54 28.31 6.30
N LEU A 27 -5.43 27.97 7.59
CA LEU A 27 -6.37 28.48 8.59
C LEU A 27 -5.81 29.63 9.44
N MET A 28 -4.49 29.60 9.68
CA MET A 28 -3.83 30.61 10.50
C MET A 28 -3.00 31.56 9.64
N ILE A 29 -3.27 32.85 9.80
CA ILE A 29 -2.71 33.89 8.91
C ILE A 29 -1.20 34.07 9.12
N SER A 30 -0.70 33.66 10.28
CA SER A 30 0.72 33.66 10.55
C SER A 30 1.44 32.43 9.96
N ARG A 31 0.83 31.79 8.97
CA ARG A 31 1.46 30.67 8.28
C ARG A 31 1.26 30.77 6.78
N THR A 32 2.07 30.00 6.05
CA THR A 32 2.12 30.11 4.61
C THR A 32 1.76 28.78 3.97
N PRO A 33 0.53 28.68 3.43
CA PRO A 33 0.08 27.47 2.75
C PRO A 33 0.67 27.36 1.35
N GLU A 34 1.00 26.13 0.94
CA GLU A 34 1.59 25.85 -0.36
C GLU A 34 0.92 24.65 -1.01
N VAL A 35 0.71 24.73 -2.31
CA VAL A 35 0.45 23.57 -3.13
C VAL A 35 1.78 23.08 -3.71
N THR A 36 1.94 21.76 -3.79
CA THR A 36 3.23 21.16 -4.16
C THR A 36 3.13 20.18 -5.32
N CYS A 37 3.81 20.51 -6.41
CA CYS A 37 3.82 19.65 -7.60
C CYS A 37 5.11 18.85 -7.69
N VAL A 38 5.00 17.53 -7.56
CA VAL A 38 6.17 16.66 -7.56
C VAL A 38 6.22 15.81 -8.82
N VAL A 39 7.34 15.87 -9.51
CA VAL A 39 7.52 15.11 -10.74
C VAL A 39 8.60 14.07 -10.52
N VAL A 40 8.26 12.80 -10.72
CA VAL A 40 9.25 11.73 -10.53
C VAL A 40 9.49 10.99 -11.82
N ASP A 41 10.47 10.11 -11.81
CA ASP A 41 10.78 9.29 -12.99
C ASP A 41 11.14 10.16 -14.18
N VAL A 42 11.88 11.23 -13.90
CA VAL A 42 12.56 12.01 -14.94
C VAL A 42 13.90 11.34 -15.27
N SER A 43 14.11 11.03 -16.54
CA SER A 43 15.34 10.39 -16.97
C SER A 43 16.50 11.38 -17.10
N HIS A 44 17.71 10.86 -17.06
CA HIS A 44 18.91 11.66 -17.29
C HIS A 44 19.03 12.14 -18.73
N GLU A 45 18.45 11.37 -19.65
CA GLU A 45 18.49 11.69 -21.07
C GLU A 45 17.66 12.92 -21.41
N ASP A 46 16.51 13.05 -20.75
CA ASP A 46 15.64 14.22 -20.95
C ASP A 46 15.20 14.76 -19.59
N PRO A 47 16.11 15.48 -18.92
CA PRO A 47 15.94 15.90 -17.54
C PRO A 47 15.27 17.27 -17.39
N GLU A 48 15.03 17.97 -18.50
CA GLU A 48 14.39 19.30 -18.44
C GLU A 48 12.89 19.19 -18.23
N VAL A 49 12.40 19.81 -17.16
CA VAL A 49 10.98 19.81 -16.84
C VAL A 49 10.45 21.24 -16.77
N LYS A 50 9.34 21.50 -17.46
CA LYS A 50 8.70 22.81 -17.44
C LYS A 50 7.43 22.77 -16.59
N PHE A 51 7.28 23.72 -15.67
CA PHE A 51 6.06 23.85 -14.88
C PHE A 51 5.20 25.04 -15.33
N ASN A 52 3.93 24.78 -15.59
CA ASN A 52 2.93 25.84 -15.67
C ASN A 52 1.90 25.71 -14.55
N TRP A 53 1.48 26.84 -14.00
CA TRP A 53 0.55 26.87 -12.87
C TRP A 53 -0.71 27.68 -13.19
N TYR A 54 -1.88 27.10 -12.97
CA TYR A 54 -3.16 27.77 -13.24
C TYR A 54 -4.05 27.86 -12.01
N VAL A 55 -4.42 29.08 -11.63
CA VAL A 55 -5.42 29.29 -10.57
C VAL A 55 -6.78 29.61 -11.16
N ASP A 56 -7.71 28.66 -11.06
CA ASP A 56 -9.01 28.78 -11.69
C ASP A 56 -8.92 28.91 -13.21
N GLY A 57 -7.73 28.72 -13.76
CA GLY A 57 -7.53 28.80 -15.20
C GLY A 57 -6.61 29.95 -15.56
N VAL A 58 -6.39 30.85 -14.63
CA VAL A 58 -5.53 31.99 -14.85
C VAL A 58 -4.08 31.62 -14.57
N GLU A 59 -3.30 31.43 -15.62
CA GLU A 59 -1.88 31.19 -15.44
C GLU A 59 -1.32 32.18 -14.42
N VAL A 60 -0.59 31.66 -13.45
CA VAL A 60 0.16 32.50 -12.54
C VAL A 60 1.63 32.17 -12.69
N HIS A 61 2.47 33.04 -12.17
CA HIS A 61 3.90 32.79 -12.13
C HIS A 61 4.26 32.81 -10.66
N ASN A 62 5.47 33.22 -10.29
CA ASN A 62 5.81 33.28 -8.88
C ASN A 62 5.78 31.93 -8.12
N ALA A 63 5.59 30.82 -8.84
CA ALA A 63 5.95 29.49 -8.30
C ALA A 63 7.46 29.40 -8.11
N LYS A 64 7.90 28.70 -7.06
CA LYS A 64 9.33 28.48 -6.82
C LYS A 64 9.72 27.05 -7.15
N THR A 65 10.38 26.87 -8.30
CA THR A 65 10.83 25.56 -8.77
C THR A 65 12.22 25.23 -8.26
N LYS A 66 12.35 24.13 -7.53
CA LYS A 66 13.64 23.73 -6.98
C LYS A 66 14.49 23.00 -8.01
N PRO A 67 15.81 22.98 -7.81
CA PRO A 67 16.68 22.25 -8.73
C PRO A 67 16.43 20.74 -8.62
N ARG A 68 16.51 20.05 -9.76
CA ARG A 68 16.28 18.60 -9.79
C ARG A 68 17.24 17.85 -8.89
N GLU A 69 16.74 16.79 -8.28
CA GLU A 69 17.54 16.00 -7.38
C GLU A 69 17.60 14.54 -7.83
N GLU A 70 18.80 13.99 -7.86
CA GLU A 70 19.00 12.62 -8.29
C GLU A 70 18.49 11.67 -7.22
N GLN A 71 17.71 10.67 -7.60
CA GLN A 71 17.25 9.69 -6.63
C GLN A 71 18.17 8.47 -6.52
N TYR A 72 18.06 7.75 -5.42
CA TYR A 72 18.79 6.51 -5.23
C TYR A 72 18.58 5.55 -6.40
N ASN A 73 17.38 5.52 -6.95
CA ASN A 73 17.10 4.60 -8.04
C ASN A 73 17.59 5.13 -9.39
N SER A 74 18.30 6.26 -9.32
CA SER A 74 18.95 6.90 -10.49
C SER A 74 18.00 7.60 -11.46
N THR A 75 16.80 7.92 -11.01
CA THR A 75 15.95 8.87 -11.71
C THR A 75 16.14 10.26 -11.11
N TYR A 76 15.64 11.27 -11.82
CA TYR A 76 15.54 12.61 -11.25
C TYR A 76 14.16 12.84 -10.63
N ARG A 77 14.11 13.64 -9.57
CA ARG A 77 12.85 14.11 -8.98
C ARG A 77 12.90 15.64 -8.98
N VAL A 78 11.82 16.28 -9.45
CA VAL A 78 11.75 17.74 -9.49
C VAL A 78 10.47 18.26 -8.86
N VAL A 79 10.60 19.28 -8.02
CA VAL A 79 9.49 19.81 -7.23
C VAL A 79 9.22 21.29 -7.54
N SER A 80 7.96 21.64 -7.74
CA SER A 80 7.55 23.05 -7.79
C SER A 80 6.54 23.39 -6.69
N VAL A 81 6.81 24.44 -5.94
CA VAL A 81 5.97 24.85 -4.81
C VAL A 81 5.29 26.19 -5.12
N LEU A 82 3.97 26.19 -5.17
CA LEU A 82 3.19 27.43 -5.35
C LEU A 82 2.58 27.92 -4.04
N THR A 83 3.03 29.09 -3.59
CA THR A 83 2.38 29.76 -2.47
C THR A 83 0.94 30.11 -2.79
N VAL A 84 0.06 29.86 -1.83
CA VAL A 84 -1.37 29.98 -2.02
C VAL A 84 -1.93 31.01 -1.03
N LEU A 85 -2.91 31.79 -1.46
CA LEU A 85 -3.56 32.76 -0.54
C LEU A 85 -4.61 32.06 0.30
N HIS A 86 -4.55 32.23 1.61
CA HIS A 86 -5.47 31.54 2.51
C HIS A 86 -6.91 31.53 1.99
N GLN A 87 -7.44 32.70 1.63
CA GLN A 87 -8.86 32.79 1.25
C GLN A 87 -9.13 32.20 -0.12
N ASP A 88 -8.13 32.23 -0.99
CA ASP A 88 -8.21 31.54 -2.28
C ASP A 88 -8.51 30.05 -2.12
N TRP A 89 -7.75 29.38 -1.25
CA TRP A 89 -7.93 27.95 -1.04
C TRP A 89 -9.30 27.66 -0.42
N LEU A 90 -9.66 28.45 0.59
CA LEU A 90 -10.90 28.23 1.34
C LEU A 90 -12.14 28.55 0.50
N ASN A 91 -12.03 29.55 -0.36
CA ASN A 91 -13.09 29.83 -1.31
C ASN A 91 -13.22 28.77 -2.40
N GLY A 92 -12.30 27.82 -2.39
CA GLY A 92 -12.41 26.66 -3.27
C GLY A 92 -11.87 26.88 -4.67
N LYS A 93 -10.94 27.81 -4.82
CA LYS A 93 -10.26 27.99 -6.09
C LYS A 93 -9.47 26.73 -6.49
N GLU A 94 -9.42 26.47 -7.80
CA GLU A 94 -8.73 25.28 -8.31
C GLU A 94 -7.29 25.59 -8.67
N TYR A 95 -6.38 24.68 -8.28
CA TYR A 95 -4.97 24.80 -8.62
C TYR A 95 -4.50 23.70 -9.57
N LYS A 96 -3.97 24.11 -10.71
CA LYS A 96 -3.58 23.20 -11.77
C LYS A 96 -2.08 23.28 -11.99
N CYS A 97 -1.44 22.12 -11.96
CA CYS A 97 -0.02 22.01 -12.28
C CYS A 97 0.11 21.30 -13.61
N LYS A 98 0.78 21.94 -14.55
CA LYS A 98 0.99 21.37 -15.86
C LYS A 98 2.47 21.06 -16.03
N VAL A 99 2.75 19.85 -16.50
CA VAL A 99 4.13 19.38 -16.56
C VAL A 99 4.49 19.03 -17.99
N SER A 100 5.53 19.70 -18.48
CA SER A 100 6.04 19.44 -19.83
C SER A 100 7.43 18.80 -19.77
N ASN A 101 7.62 17.75 -20.55
CA ASN A 101 8.91 17.06 -20.63
C ASN A 101 8.99 16.33 -21.96
N LYS A 102 10.17 16.31 -22.57
CA LYS A 102 10.33 15.72 -23.89
C LYS A 102 9.91 14.24 -23.98
N ALA A 103 9.92 13.54 -22.86
CA ALA A 103 9.56 12.12 -22.87
C ALA A 103 8.06 11.91 -22.77
N LEU A 104 7.31 13.00 -22.65
CA LEU A 104 5.86 12.91 -22.51
C LEU A 104 5.21 13.18 -23.86
N PRO A 105 4.43 12.22 -24.36
CA PRO A 105 3.71 12.52 -25.60
C PRO A 105 2.98 13.84 -25.43
N ALA A 106 2.21 13.95 -24.34
CA ALA A 106 1.51 15.19 -24.01
C ALA A 106 1.86 15.61 -22.60
N PRO A 107 1.88 16.93 -22.36
CA PRO A 107 2.12 17.45 -21.02
C PRO A 107 1.12 16.83 -20.04
N ILE A 108 1.45 16.80 -18.77
CA ILE A 108 0.57 16.21 -17.78
C ILE A 108 -0.05 17.29 -16.90
N GLU A 109 -1.35 17.22 -16.74
CA GLU A 109 -2.05 18.21 -15.92
C GLU A 109 -2.69 17.56 -14.70
N LYS A 110 -2.47 18.18 -13.55
CA LYS A 110 -3.11 17.73 -12.33
C LYS A 110 -3.84 18.91 -11.69
N THR A 111 -5.02 18.65 -11.14
CA THR A 111 -5.77 19.66 -10.41
C THR A 111 -6.10 19.22 -8.98
N ILE A 112 -6.10 20.17 -8.06
CA ILE A 112 -6.63 19.95 -6.72
C ILE A 112 -7.40 21.18 -6.22
N SER A 113 -8.06 21.04 -5.08
CA SER A 113 -8.83 22.12 -4.46
C SER A 113 -9.51 21.56 -3.23
N LYS A 114 -9.95 22.44 -2.33
CA LYS A 114 -10.59 22.02 -1.10
C LYS A 114 -11.79 21.12 -1.38
N ALA A 115 -12.03 20.15 -0.50
CA ALA A 115 -13.20 19.30 -0.61
C ALA A 115 -14.44 20.18 -0.67
N LYS A 116 -15.42 19.76 -1.46
CA LYS A 116 -16.63 20.54 -1.67
C LYS A 116 -17.72 20.13 -0.70
N GLY A 117 -18.67 21.03 -0.47
CA GLY A 117 -19.77 20.74 0.43
C GLY A 117 -19.89 21.78 1.53
N GLN A 118 -21.09 21.89 2.08
CA GLN A 118 -21.43 22.93 3.03
C GLN A 118 -20.59 22.77 4.31
N PRO A 119 -19.75 23.76 4.60
CA PRO A 119 -18.91 23.73 5.81
C PRO A 119 -19.77 23.65 7.06
N ARG A 120 -19.40 22.78 8.00
CA ARG A 120 -20.12 22.65 9.26
C ARG A 120 -19.19 22.75 10.45
N GLU A 121 -19.61 23.52 11.45
CA GLU A 121 -18.78 23.87 12.60
C GLU A 121 -18.62 22.71 13.59
N PRO A 122 -17.38 22.45 14.02
CA PRO A 122 -17.18 21.39 15.01
C PRO A 122 -17.73 21.78 16.37
N GLN A 123 -18.28 20.80 17.09
CA GLN A 123 -18.49 20.92 18.51
C GLN A 123 -17.27 20.31 19.16
N VAL A 124 -16.79 20.93 20.23
CA VAL A 124 -15.61 20.42 20.91
C VAL A 124 -15.94 20.12 22.35
N TYR A 125 -15.68 18.89 22.80
CA TYR A 125 -15.97 18.50 24.17
C TYR A 125 -14.78 17.81 24.80
N THR A 126 -14.40 18.25 26.01
CA THR A 126 -13.31 17.60 26.72
C THR A 126 -13.84 16.65 27.77
N LEU A 127 -13.21 15.49 27.92
CA LEU A 127 -13.69 14.47 28.83
C LEU A 127 -12.53 14.07 29.74
N PRO A 128 -12.74 14.11 31.06
CA PRO A 128 -11.72 13.73 32.02
C PRO A 128 -11.48 12.23 31.96
N PRO A 129 -10.39 11.74 32.57
CA PRO A 129 -10.15 10.31 32.69
C PRO A 129 -11.34 9.62 33.36
N SER A 130 -11.58 8.36 32.99
CA SER A 130 -12.48 7.50 33.74
C SER A 130 -11.89 7.30 35.12
N ARG A 131 -12.77 7.27 36.11
CA ARG A 131 -12.39 6.88 37.46
C ARG A 131 -11.52 5.61 37.49
N ASP A 132 -11.86 4.61 36.70
CA ASP A 132 -11.08 3.36 36.68
C ASP A 132 -9.62 3.57 36.27
N GLU A 133 -9.35 4.63 35.51
CA GLU A 133 -7.98 4.89 35.05
C GLU A 133 -7.13 5.56 36.12
N LEU A 134 -7.78 6.22 37.08
CA LEU A 134 -7.08 6.96 38.12
C LEU A 134 -6.17 6.04 38.93
N THR A 135 -6.13 4.78 38.53
CA THR A 135 -5.39 3.76 39.25
C THR A 135 -4.01 3.59 38.61
N LYS A 136 -3.83 4.17 37.43
CA LYS A 136 -2.59 4.00 36.68
C LYS A 136 -1.62 5.13 36.96
N ASN A 137 -0.37 4.96 36.54
CA ASN A 137 0.63 6.01 36.66
C ASN A 137 0.35 7.16 35.70
N GLN A 138 -0.24 6.83 34.55
CA GLN A 138 -0.65 7.83 33.57
C GLN A 138 -2.16 7.77 33.33
N VAL A 139 -2.75 8.92 33.01
CA VAL A 139 -4.18 9.00 32.75
C VAL A 139 -4.43 9.66 31.41
N SER A 140 -5.63 9.46 30.88
CA SER A 140 -5.97 9.89 29.53
C SER A 140 -6.94 11.07 29.57
N LEU A 141 -6.61 12.10 28.82
CA LEU A 141 -7.50 13.24 28.69
C LEU A 141 -8.02 13.24 27.28
N THR A 142 -9.33 13.34 27.13
CA THR A 142 -9.95 13.09 25.85
C THR A 142 -10.60 14.36 25.32
N CYS A 143 -10.38 14.61 24.03
CA CYS A 143 -11.06 15.66 23.35
C CYS A 143 -11.87 15.10 22.20
N LEU A 144 -13.19 15.27 22.27
CA LEU A 144 -14.08 14.80 21.22
C LEU A 144 -14.42 15.98 20.32
N VAL A 145 -14.17 15.82 19.02
CA VAL A 145 -14.51 16.84 18.05
C VAL A 145 -15.45 16.23 17.02
N LYS A 146 -16.67 16.76 16.92
CA LYS A 146 -17.70 16.15 16.07
C LYS A 146 -18.53 17.21 15.38
N GLY A 147 -19.23 16.79 14.33
CA GLY A 147 -20.12 17.67 13.62
C GLY A 147 -19.43 18.48 12.54
N PHE A 148 -18.17 18.18 12.24
CA PHE A 148 -17.43 19.06 11.32
C PHE A 148 -17.44 18.63 9.87
N TYR A 149 -17.28 19.62 9.00
CA TYR A 149 -17.14 19.41 7.56
C TYR A 149 -16.54 20.68 6.98
N PRO A 150 -15.67 20.53 5.98
CA PRO A 150 -15.08 19.28 5.51
C PRO A 150 -14.18 18.65 6.58
N SER A 151 -13.54 17.52 6.26
CA SER A 151 -12.79 16.78 7.29
C SER A 151 -11.45 17.41 7.63
N ASP A 152 -11.00 18.35 6.80
CA ASP A 152 -9.79 19.11 7.08
C ASP A 152 -9.87 19.82 8.42
N ILE A 153 -8.88 19.57 9.26
CA ILE A 153 -8.89 20.10 10.61
C ILE A 153 -7.53 19.94 11.28
N ALA A 154 -7.26 20.73 12.30
CA ALA A 154 -6.09 20.52 13.14
C ALA A 154 -6.48 20.58 14.60
N VAL A 155 -5.95 19.64 15.37
CA VAL A 155 -6.26 19.55 16.78
C VAL A 155 -4.97 19.43 17.55
N GLU A 156 -4.81 20.21 18.61
CA GLU A 156 -3.64 20.11 19.46
C GLU A 156 -4.02 20.16 20.93
N TRP A 157 -3.13 19.68 21.77
CA TRP A 157 -3.26 19.78 23.21
C TRP A 157 -2.14 20.67 23.72
N GLU A 158 -2.49 21.55 24.65
CA GLU A 158 -1.57 22.51 25.23
C GLU A 158 -1.75 22.60 26.73
N SER A 159 -0.75 23.15 27.41
CA SER A 159 -0.85 23.48 28.81
C SER A 159 0.09 24.67 29.07
N ASN A 160 -0.37 25.64 29.86
CA ASN A 160 0.43 26.84 30.13
C ASN A 160 1.17 27.41 28.92
N GLY A 161 0.46 27.56 27.80
CA GLY A 161 1.02 28.23 26.64
C GLY A 161 2.05 27.41 25.88
N GLN A 162 2.20 26.13 26.22
CA GLN A 162 3.10 25.23 25.49
C GLN A 162 2.39 23.95 25.06
N PRO A 163 2.75 23.43 23.88
CA PRO A 163 2.24 22.16 23.39
C PRO A 163 2.54 21.02 24.35
N GLU A 164 1.58 20.10 24.52
CA GLU A 164 1.80 18.89 25.30
C GLU A 164 2.56 17.82 24.49
N ASN A 165 3.31 16.96 25.19
CA ASN A 165 4.36 16.14 24.57
C ASN A 165 3.92 14.71 24.22
N ASN A 166 2.67 14.37 24.50
CA ASN A 166 2.26 12.98 24.41
C ASN A 166 0.76 12.85 24.14
N TYR A 167 0.35 13.18 22.93
CA TYR A 167 -1.02 12.95 22.53
C TYR A 167 -1.05 12.36 21.13
N LYS A 168 -2.11 11.61 20.86
CA LYS A 168 -2.38 11.08 19.53
C LYS A 168 -3.83 11.39 19.22
N THR A 169 -4.12 11.59 17.94
CA THR A 169 -5.44 11.91 17.47
C THR A 169 -5.85 10.90 16.42
N THR A 170 -7.09 10.41 16.50
CA THR A 170 -7.57 9.46 15.53
C THR A 170 -7.84 10.19 14.23
N PRO A 171 -7.82 9.46 13.11
CA PRO A 171 -8.32 10.08 11.89
C PRO A 171 -9.79 10.46 12.04
N PRO A 172 -10.25 11.43 11.22
CA PRO A 172 -11.67 11.74 11.15
C PRO A 172 -12.46 10.51 10.75
N VAL A 173 -13.64 10.34 11.36
CA VAL A 173 -14.55 9.27 10.95
C VAL A 173 -15.88 9.86 10.51
N LEU A 174 -16.43 9.34 9.43
CA LEU A 174 -17.71 9.79 8.91
C LEU A 174 -18.85 9.36 9.84
N ASP A 175 -19.55 10.32 10.45
CA ASP A 175 -20.77 10.02 11.22
C ASP A 175 -21.95 9.77 10.29
N SER A 176 -23.09 9.36 10.83
CA SER A 176 -24.25 9.00 10.01
C SER A 176 -24.94 10.20 9.35
N ASP A 177 -24.78 11.39 9.93
CA ASP A 177 -25.40 12.59 9.37
C ASP A 177 -24.54 13.31 8.31
N GLY A 178 -23.53 12.62 7.80
CA GLY A 178 -22.67 13.19 6.76
C GLY A 178 -21.50 14.00 7.29
N SER A 179 -21.50 14.31 8.57
CA SER A 179 -20.40 15.07 9.16
C SER A 179 -19.34 14.13 9.70
N PHE A 180 -18.21 14.68 10.16
CA PHE A 180 -17.11 13.87 10.69
C PHE A 180 -16.96 14.07 12.20
N PHE A 181 -16.37 13.09 12.88
CA PHE A 181 -15.87 13.30 14.23
C PHE A 181 -14.46 12.73 14.41
N LEU A 182 -13.78 13.14 15.46
CA LEU A 182 -12.56 12.44 15.87
C LEU A 182 -12.40 12.58 17.36
N TYR A 183 -11.46 11.83 17.92
CA TYR A 183 -11.06 11.96 19.30
C TYR A 183 -9.56 12.24 19.30
N SER A 184 -9.13 13.07 20.24
CA SER A 184 -7.72 13.24 20.49
C SER A 184 -7.41 12.83 21.91
N LYS A 185 -6.43 11.96 22.08
CA LYS A 185 -6.07 11.47 23.40
C LYS A 185 -4.74 12.06 23.89
N LEU A 186 -4.83 12.80 24.99
CA LEU A 186 -3.66 13.33 25.67
C LEU A 186 -3.33 12.49 26.87
N THR A 187 -2.06 12.09 26.99
CA THR A 187 -1.63 11.25 28.09
C THR A 187 -0.74 12.07 29.04
N VAL A 188 -1.07 12.07 30.32
CA VAL A 188 -0.26 12.79 31.29
C VAL A 188 -0.09 11.97 32.55
N ASP A 189 1.07 12.08 33.18
CA ASP A 189 1.26 11.54 34.51
C ASP A 189 0.10 11.92 35.42
N LYS A 190 -0.35 10.95 36.21
CA LYS A 190 -1.43 11.12 37.18
C LYS A 190 -1.18 12.33 38.08
N SER A 191 0.06 12.50 38.52
CA SER A 191 0.40 13.58 39.43
C SER A 191 -0.03 14.92 38.83
N ARG A 192 0.24 15.12 37.55
CA ARG A 192 -0.08 16.40 36.92
C ARG A 192 -1.58 16.64 36.96
N TRP A 193 -2.36 15.59 36.68
CA TRP A 193 -3.81 15.69 36.70
C TRP A 193 -4.32 16.09 38.09
N GLN A 194 -3.89 15.34 39.09
CA GLN A 194 -4.47 15.48 40.42
C GLN A 194 -3.99 16.74 41.12
N GLN A 195 -2.90 17.31 40.64
CA GLN A 195 -2.43 18.58 41.19
C GLN A 195 -3.20 19.74 40.59
N GLY A 196 -4.11 19.43 39.67
CA GLY A 196 -5.02 20.42 39.13
C GLY A 196 -4.46 21.32 38.03
N ASN A 197 -3.47 20.83 37.30
CA ASN A 197 -3.05 21.51 36.08
C ASN A 197 -4.21 21.63 35.08
N VAL A 198 -4.21 22.73 34.33
CA VAL A 198 -5.22 22.98 33.31
C VAL A 198 -4.67 22.62 31.92
N PHE A 199 -5.40 21.79 31.20
CA PHE A 199 -5.01 21.34 29.87
C PHE A 199 -6.05 21.80 28.89
N SER A 200 -5.62 22.12 27.68
CA SER A 200 -6.53 22.67 26.68
C SER A 200 -6.40 21.93 25.38
N CYS A 201 -7.55 21.64 24.78
CA CYS A 201 -7.65 21.06 23.47
C CYS A 201 -7.98 22.21 22.54
N SER A 202 -7.15 22.38 21.51
CA SER A 202 -7.29 23.48 20.56
C SER A 202 -7.67 22.91 19.22
N VAL A 203 -8.61 23.54 18.55
CA VAL A 203 -9.13 23.00 17.31
C VAL A 203 -9.17 24.12 16.28
N MET A 204 -8.73 23.81 15.07
CA MET A 204 -8.74 24.77 14.01
C MET A 204 -9.48 24.20 12.82
N HIS A 205 -10.48 24.95 12.35
CA HIS A 205 -11.36 24.49 11.29
C HIS A 205 -11.90 25.70 10.54
N GLU A 206 -12.05 25.53 9.23
CA GLU A 206 -12.71 26.47 8.35
C GLU A 206 -13.91 27.16 9.00
N ALA A 207 -14.75 26.39 9.68
CA ALA A 207 -16.11 26.81 10.03
C ALA A 207 -16.24 27.36 11.46
N LEU A 208 -15.11 27.60 12.12
CA LEU A 208 -15.10 28.24 13.45
C LEU A 208 -14.75 29.72 13.31
N HIS A 209 -15.26 30.54 14.22
CA HIS A 209 -14.91 31.95 14.28
C HIS A 209 -13.41 32.13 14.55
N ASN A 210 -12.77 32.97 13.74
CA ASN A 210 -11.31 33.11 13.79
C ASN A 210 -10.60 31.77 13.50
N HIS A 211 -11.33 30.83 12.90
CA HIS A 211 -10.81 29.49 12.60
C HIS A 211 -10.25 28.75 13.83
N TYR A 212 -10.75 29.09 15.00
CA TYR A 212 -10.13 28.62 16.22
C TYR A 212 -11.11 28.53 17.38
N THR A 213 -10.96 27.49 18.19
CA THR A 213 -11.61 27.42 19.47
C THR A 213 -10.79 26.49 20.35
N GLN A 214 -10.90 26.68 21.66
CA GLN A 214 -10.27 25.75 22.57
C GLN A 214 -11.17 25.51 23.77
N LYS A 215 -11.04 24.32 24.36
CA LYS A 215 -11.78 23.95 25.56
C LYS A 215 -10.78 23.44 26.57
N SER A 216 -11.04 23.71 27.84
CA SER A 216 -10.12 23.34 28.89
C SER A 216 -10.65 22.16 29.70
N LEU A 217 -9.77 21.60 30.52
CA LEU A 217 -10.05 20.35 31.21
C LEU A 217 -9.15 20.36 32.43
N SER A 218 -9.72 20.19 33.61
CA SER A 218 -8.89 20.08 34.82
C SER A 218 -9.68 19.42 35.94
N LEU A 219 -8.96 18.89 36.92
CA LEU A 219 -9.57 18.08 37.96
C LEU A 219 -10.73 18.80 38.65
N CYS B 5 -18.34 -1.23 -20.76
CA CYS B 5 -16.95 -0.71 -20.90
C CYS B 5 -16.12 -1.63 -21.78
N PRO B 6 -15.27 -1.04 -22.64
CA PRO B 6 -14.33 -1.87 -23.40
C PRO B 6 -13.25 -2.41 -22.46
N ALA B 7 -12.92 -3.69 -22.61
CA ALA B 7 -12.01 -4.35 -21.67
C ALA B 7 -10.65 -3.62 -21.63
N PRO B 8 -10.07 -3.50 -20.43
CA PRO B 8 -8.73 -2.96 -20.27
C PRO B 8 -7.69 -3.94 -20.80
N GLU B 9 -6.44 -3.50 -20.88
CA GLU B 9 -5.42 -4.28 -21.57
C GLU B 9 -4.87 -5.41 -20.70
N LEU B 10 -4.77 -5.16 -19.39
CA LEU B 10 -4.39 -6.20 -18.44
C LEU B 10 -3.06 -6.84 -18.77
N LEU B 11 -2.09 -6.04 -19.18
CA LEU B 11 -0.79 -6.55 -19.59
C LEU B 11 -0.18 -7.41 -18.49
N GLY B 12 -0.43 -7.04 -17.24
CA GLY B 12 0.18 -7.75 -16.11
C GLY B 12 -0.56 -9.00 -15.65
N GLY B 13 -1.70 -9.28 -16.27
CA GLY B 13 -2.51 -10.43 -15.83
C GLY B 13 -3.18 -10.10 -14.49
N PRO B 14 -3.75 -11.12 -13.82
CA PRO B 14 -4.50 -10.84 -12.60
C PRO B 14 -3.63 -10.49 -11.39
N SER B 15 -4.26 -9.86 -10.38
CA SER B 15 -3.60 -9.58 -9.11
C SER B 15 -4.41 -10.17 -7.95
N VAL B 16 -3.71 -10.54 -6.88
CA VAL B 16 -4.29 -11.28 -5.77
C VAL B 16 -4.24 -10.44 -4.48
N PHE B 17 -5.36 -10.42 -3.75
CA PHE B 17 -5.38 -9.83 -2.42
C PHE B 17 -5.97 -10.84 -1.43
N LEU B 18 -5.23 -11.07 -0.35
CA LEU B 18 -5.55 -12.09 0.63
C LEU B 18 -5.93 -11.43 1.96
N PHE B 19 -7.14 -11.72 2.44
CA PHE B 19 -7.70 -10.99 3.58
C PHE B 19 -7.87 -11.88 4.81
N PRO B 20 -7.60 -11.33 6.00
CA PRO B 20 -7.70 -12.05 7.26
C PRO B 20 -9.16 -12.22 7.69
N PRO B 21 -9.42 -13.09 8.69
CA PRO B 21 -10.79 -13.14 9.21
C PRO B 21 -11.15 -11.89 10.01
N LYS B 22 -12.44 -11.65 10.18
CA LYS B 22 -12.92 -10.64 11.10
C LYS B 22 -12.47 -10.98 12.51
N PRO B 23 -12.03 -9.97 13.27
CA PRO B 23 -11.49 -10.21 14.60
C PRO B 23 -12.46 -10.98 15.47
N LYS B 24 -13.74 -10.64 15.42
CA LYS B 24 -14.77 -11.23 16.25
C LYS B 24 -14.90 -12.72 15.96
N ASP B 25 -14.80 -13.06 14.67
CA ASP B 25 -14.98 -14.43 14.21
C ASP B 25 -13.92 -15.36 14.77
N THR B 26 -12.69 -14.86 14.90
CA THR B 26 -11.61 -15.66 15.45
C THR B 26 -11.72 -15.82 16.97
N LEU B 27 -12.55 -14.97 17.60
CA LEU B 27 -12.53 -14.80 19.04
C LEU B 27 -13.68 -15.55 19.73
N MET B 28 -14.79 -15.69 19.01
CA MET B 28 -15.97 -16.39 19.53
C MET B 28 -16.08 -17.74 18.84
N ILE B 29 -16.09 -18.81 19.63
CA ILE B 29 -16.04 -20.15 19.05
C ILE B 29 -17.32 -20.48 18.29
N SER B 30 -18.41 -19.80 18.63
CA SER B 30 -19.68 -20.06 17.96
C SER B 30 -19.67 -19.44 16.55
N ARG B 31 -18.57 -18.78 16.20
CA ARG B 31 -18.50 -18.07 14.94
C ARG B 31 -17.53 -18.75 13.99
N THR B 32 -17.63 -18.42 12.71
CA THR B 32 -16.79 -19.08 11.70
C THR B 32 -15.80 -18.13 11.00
N PRO B 33 -14.54 -18.16 11.45
CA PRO B 33 -13.49 -17.32 10.87
C PRO B 33 -13.05 -17.85 9.50
N GLU B 34 -12.83 -16.93 8.56
CA GLU B 34 -12.48 -17.26 7.19
C GLU B 34 -11.35 -16.36 6.71
N VAL B 35 -10.42 -16.96 5.95
CA VAL B 35 -9.49 -16.22 5.10
C VAL B 35 -10.02 -16.17 3.66
N THR B 36 -9.87 -15.00 3.03
CA THR B 36 -10.50 -14.77 1.74
C THR B 36 -9.45 -14.37 0.70
N CYS B 37 -9.33 -15.19 -0.34
CA CYS B 37 -8.38 -14.92 -1.43
C CYS B 37 -9.12 -14.34 -2.63
N VAL B 38 -8.82 -13.09 -2.95
CA VAL B 38 -9.55 -12.36 -4.00
C VAL B 38 -8.63 -12.13 -5.19
N VAL B 39 -9.12 -12.43 -6.38
CA VAL B 39 -8.30 -12.29 -7.58
C VAL B 39 -9.03 -11.37 -8.53
N VAL B 40 -8.37 -10.28 -8.94
CA VAL B 40 -9.00 -9.25 -9.76
C VAL B 40 -8.21 -9.10 -11.05
N ASP B 41 -8.73 -8.32 -12.00
CA ASP B 41 -8.10 -8.22 -13.34
C ASP B 41 -8.00 -9.59 -14.02
N VAL B 42 -8.91 -10.49 -13.67
CA VAL B 42 -9.09 -11.71 -14.45
C VAL B 42 -9.83 -11.37 -15.74
N SER B 43 -9.24 -11.71 -16.88
CA SER B 43 -9.84 -11.35 -18.18
C SER B 43 -10.98 -12.27 -18.61
N HIS B 44 -11.81 -11.79 -19.54
CA HIS B 44 -12.85 -12.61 -20.14
C HIS B 44 -12.30 -13.80 -20.91
N GLU B 45 -11.10 -13.66 -21.45
CA GLU B 45 -10.51 -14.69 -22.34
C GLU B 45 -9.85 -15.82 -21.55
N ASP B 46 -9.13 -15.47 -20.49
CA ASP B 46 -8.51 -16.49 -19.62
C ASP B 46 -9.06 -16.39 -18.21
N PRO B 47 -10.33 -16.79 -18.03
CA PRO B 47 -11.04 -16.44 -16.80
C PRO B 47 -10.92 -17.49 -15.71
N GLU B 48 -10.33 -18.65 -16.01
CA GLU B 48 -10.27 -19.70 -15.01
C GLU B 48 -9.18 -19.41 -13.99
N VAL B 49 -9.54 -19.49 -12.72
CA VAL B 49 -8.54 -19.43 -11.66
C VAL B 49 -8.46 -20.71 -10.87
N LYS B 50 -7.26 -21.24 -10.70
CA LYS B 50 -7.08 -22.36 -9.82
C LYS B 50 -6.46 -21.95 -8.48
N PHE B 51 -7.09 -22.39 -7.40
CA PHE B 51 -6.64 -22.06 -6.06
C PHE B 51 -6.06 -23.29 -5.38
N ASN B 52 -4.88 -23.14 -4.79
CA ASN B 52 -4.35 -24.09 -3.80
C ASN B 52 -4.13 -23.34 -2.48
N TRP B 53 -4.52 -23.97 -1.38
CA TRP B 53 -4.39 -23.36 -0.06
C TRP B 53 -3.46 -24.17 0.80
N TYR B 54 -2.60 -23.50 1.57
CA TYR B 54 -1.69 -24.18 2.50
C TYR B 54 -1.73 -23.54 3.89
N VAL B 55 -1.73 -24.39 4.92
CA VAL B 55 -1.62 -23.94 6.30
C VAL B 55 -0.28 -24.39 6.88
N ASP B 56 0.60 -23.42 7.12
CA ASP B 56 1.98 -23.68 7.50
C ASP B 56 2.67 -24.61 6.50
N GLY B 57 2.36 -24.45 5.22
CA GLY B 57 3.02 -25.24 4.18
C GLY B 57 2.34 -26.58 3.89
N VAL B 58 1.33 -26.93 4.67
CA VAL B 58 0.60 -28.18 4.41
C VAL B 58 -0.69 -27.87 3.67
N GLU B 59 -0.87 -28.47 2.50
CA GLU B 59 -2.09 -28.23 1.72
C GLU B 59 -3.34 -28.71 2.44
N VAL B 60 -4.43 -27.97 2.25
CA VAL B 60 -5.73 -28.33 2.76
C VAL B 60 -6.74 -28.19 1.62
N HIS B 61 -7.88 -28.84 1.73
CA HIS B 61 -8.74 -29.03 0.57
C HIS B 61 -10.18 -28.57 0.76
N ASN B 62 -10.46 -27.87 1.86
CA ASN B 62 -11.83 -27.53 2.22
C ASN B 62 -12.29 -26.18 1.69
N ALA B 63 -11.45 -25.53 0.89
CA ALA B 63 -11.78 -24.20 0.41
C ALA B 63 -13.10 -24.20 -0.35
N LYS B 64 -13.82 -23.09 -0.28
CA LYS B 64 -15.06 -22.95 -1.04
C LYS B 64 -14.82 -22.07 -2.26
N THR B 65 -15.35 -22.50 -3.40
CA THR B 65 -15.09 -21.84 -4.66
C THR B 65 -16.30 -20.99 -5.05
N LYS B 66 -16.11 -19.67 -5.12
CA LYS B 66 -17.21 -18.80 -5.49
C LYS B 66 -17.34 -18.65 -7.00
N PRO B 67 -18.56 -18.44 -7.49
CA PRO B 67 -18.79 -18.04 -8.87
C PRO B 67 -18.13 -16.70 -9.19
N ARG B 68 -17.42 -16.64 -10.32
CA ARG B 68 -16.83 -15.40 -10.79
C ARG B 68 -17.87 -14.30 -10.92
N GLU B 69 -17.46 -13.05 -10.71
CA GLU B 69 -18.38 -11.92 -10.82
C GLU B 69 -17.87 -10.90 -11.82
N GLU B 70 -18.69 -10.61 -12.83
CA GLU B 70 -18.43 -9.55 -13.77
C GLU B 70 -18.30 -8.21 -13.04
N GLN B 71 -17.20 -7.50 -13.29
CA GLN B 71 -17.05 -6.14 -12.82
C GLN B 71 -17.44 -5.13 -13.89
N TYR B 72 -17.68 -3.89 -13.47
CA TYR B 72 -18.05 -2.80 -14.37
C TYR B 72 -16.97 -2.58 -15.42
N ASN B 73 -15.72 -2.74 -15.05
CA ASN B 73 -14.61 -2.54 -15.98
C ASN B 73 -14.33 -3.72 -16.91
N SER B 74 -15.28 -4.68 -16.99
CA SER B 74 -15.18 -5.80 -17.92
C SER B 74 -14.06 -6.77 -17.58
N THR B 75 -13.83 -6.97 -16.28
CA THR B 75 -12.95 -8.03 -15.81
C THR B 75 -13.79 -8.91 -14.91
N TYR B 76 -13.25 -10.04 -14.50
CA TYR B 76 -13.89 -10.84 -13.46
C TYR B 76 -13.21 -10.58 -12.14
N ARG B 77 -13.98 -10.72 -11.06
CA ARG B 77 -13.45 -10.87 -9.72
C ARG B 77 -13.73 -12.28 -9.23
N VAL B 78 -12.69 -13.00 -8.80
CA VAL B 78 -12.80 -14.43 -8.57
C VAL B 78 -12.22 -14.78 -7.21
N VAL B 79 -12.99 -15.48 -6.40
CA VAL B 79 -12.73 -15.56 -4.95
C VAL B 79 -12.74 -16.99 -4.45
N SER B 80 -11.88 -17.27 -3.48
CA SER B 80 -11.89 -18.54 -2.78
C SER B 80 -11.86 -18.22 -1.30
N VAL B 81 -12.72 -18.88 -0.53
CA VAL B 81 -12.85 -18.62 0.90
C VAL B 81 -12.50 -19.88 1.68
N LEU B 82 -11.52 -19.77 2.57
CA LEU B 82 -11.12 -20.88 3.41
C LEU B 82 -11.48 -20.64 4.88
N THR B 83 -12.35 -21.49 5.44
CA THR B 83 -12.63 -21.37 6.88
C THR B 83 -11.45 -21.88 7.65
N VAL B 84 -11.09 -21.18 8.72
CA VAL B 84 -9.89 -21.53 9.49
C VAL B 84 -10.27 -21.97 10.90
N LEU B 85 -9.38 -22.67 11.59
CA LEU B 85 -9.63 -22.98 13.00
C LEU B 85 -9.25 -21.77 13.86
N HIS B 86 -10.08 -21.49 14.87
CA HIS B 86 -9.87 -20.32 15.72
C HIS B 86 -8.47 -20.30 16.31
N GLN B 87 -8.05 -21.44 16.87
CA GLN B 87 -6.77 -21.53 17.57
C GLN B 87 -5.57 -21.48 16.63
N ASP B 88 -5.71 -22.05 15.44
CA ASP B 88 -4.65 -21.97 14.43
C ASP B 88 -4.34 -20.50 14.12
N TRP B 89 -5.37 -19.75 13.78
CA TRP B 89 -5.16 -18.34 13.47
C TRP B 89 -4.49 -17.64 14.66
N LEU B 90 -5.10 -17.76 15.83
CA LEU B 90 -4.56 -17.07 17.02
C LEU B 90 -3.16 -17.54 17.40
N ASN B 91 -2.84 -18.79 17.06
CA ASN B 91 -1.48 -19.31 17.30
C ASN B 91 -0.46 -18.93 16.25
N GLY B 92 -0.86 -18.15 15.26
CA GLY B 92 0.10 -17.57 14.32
C GLY B 92 0.43 -18.41 13.09
N LYS B 93 -0.39 -19.42 12.81
CA LYS B 93 -0.19 -20.22 11.61
C LYS B 93 -0.31 -19.36 10.34
N GLU B 94 0.48 -19.70 9.32
CA GLU B 94 0.49 -18.96 8.07
C GLU B 94 -0.45 -19.59 7.07
N TYR B 95 -1.32 -18.76 6.49
CA TYR B 95 -2.24 -19.22 5.48
C TYR B 95 -1.75 -18.74 4.12
N LYS B 96 -1.54 -19.68 3.20
CA LYS B 96 -1.05 -19.35 1.88
C LYS B 96 -2.11 -19.65 0.83
N CYS B 97 -2.43 -18.64 0.04
CA CYS B 97 -3.24 -18.82 -1.15
C CYS B 97 -2.34 -18.78 -2.38
N LYS B 98 -2.41 -19.84 -3.20
CA LYS B 98 -1.71 -19.88 -4.46
C LYS B 98 -2.69 -19.80 -5.63
N VAL B 99 -2.44 -18.85 -6.53
CA VAL B 99 -3.37 -18.54 -7.61
C VAL B 99 -2.72 -18.84 -8.97
N SER B 100 -3.39 -19.66 -9.80
CA SER B 100 -2.87 -20.03 -11.12
C SER B 100 -3.85 -19.59 -12.19
N ASN B 101 -3.33 -19.03 -13.28
CA ASN B 101 -4.15 -18.47 -14.35
C ASN B 101 -3.30 -18.37 -15.62
N LYS B 102 -3.92 -18.59 -16.77
CA LYS B 102 -3.22 -18.73 -18.03
C LYS B 102 -2.49 -17.44 -18.45
N ALA B 103 -2.97 -16.28 -18.00
CA ALA B 103 -2.34 -14.99 -18.34
C ALA B 103 -1.09 -14.71 -17.51
N LEU B 104 -0.71 -15.66 -16.65
CA LEU B 104 0.40 -15.46 -15.75
C LEU B 104 1.53 -16.40 -16.15
N PRO B 105 2.78 -15.97 -15.96
CA PRO B 105 3.94 -16.82 -16.25
C PRO B 105 4.15 -17.91 -15.18
N ALA B 106 3.69 -17.65 -13.97
CA ALA B 106 3.86 -18.57 -12.84
C ALA B 106 2.73 -18.30 -11.84
N PRO B 107 2.54 -19.18 -10.85
CA PRO B 107 1.47 -18.91 -9.87
C PRO B 107 1.81 -17.71 -8.99
N ILE B 108 0.79 -16.99 -8.53
CA ILE B 108 1.00 -15.95 -7.52
C ILE B 108 0.71 -16.53 -6.13
N GLU B 109 1.66 -16.38 -5.22
CA GLU B 109 1.47 -16.83 -3.84
C GLU B 109 1.40 -15.66 -2.88
N LYS B 110 0.37 -15.65 -2.05
CA LYS B 110 0.22 -14.65 -0.98
C LYS B 110 0.03 -15.41 0.33
N THR B 111 0.61 -14.88 1.39
CA THR B 111 0.48 -15.49 2.71
C THR B 111 -0.02 -14.45 3.70
N ILE B 112 -0.71 -14.91 4.73
CA ILE B 112 -1.26 -14.04 5.75
C ILE B 112 -1.28 -14.79 7.06
N SER B 113 -0.96 -14.07 8.14
CA SER B 113 -1.10 -14.58 9.50
C SER B 113 -1.28 -13.41 10.45
N LYS B 114 -1.67 -13.72 11.69
CA LYS B 114 -1.82 -12.71 12.71
C LYS B 114 -0.53 -11.91 12.85
N ALA B 115 -0.64 -10.61 13.11
CA ALA B 115 0.53 -9.82 13.47
C ALA B 115 1.31 -10.46 14.62
N LYS B 116 2.63 -10.37 14.53
CA LYS B 116 3.52 -10.97 15.52
C LYS B 116 3.88 -9.97 16.61
N GLY B 117 4.27 -10.48 17.77
CA GLY B 117 4.71 -9.61 18.84
C GLY B 117 3.83 -9.88 20.03
N GLN B 118 4.34 -9.58 21.22
CA GLN B 118 3.70 -9.98 22.46
C GLN B 118 2.28 -9.38 22.50
N PRO B 119 1.25 -10.22 22.69
CA PRO B 119 -0.10 -9.66 22.80
C PRO B 119 -0.26 -8.81 24.06
N ARG B 120 -0.99 -7.70 23.96
CA ARG B 120 -1.24 -6.86 25.13
C ARG B 120 -2.73 -6.61 25.36
N GLU B 121 -3.13 -6.67 26.63
CA GLU B 121 -4.52 -6.62 27.03
C GLU B 121 -5.06 -5.20 26.95
N PRO B 122 -6.19 -5.02 26.29
CA PRO B 122 -6.84 -3.70 26.27
C PRO B 122 -7.33 -3.27 27.65
N GLN B 123 -7.22 -1.96 27.92
CA GLN B 123 -7.87 -1.34 29.06
C GLN B 123 -9.09 -0.64 28.48
N VAL B 124 -10.22 -0.76 29.15
CA VAL B 124 -11.47 -0.26 28.58
C VAL B 124 -12.04 0.76 29.56
N TYR B 125 -12.30 1.96 29.07
CA TYR B 125 -12.75 3.06 29.93
C TYR B 125 -13.97 3.72 29.30
N THR B 126 -15.06 3.81 30.05
CA THR B 126 -16.24 4.46 29.55
C THR B 126 -16.27 5.90 30.08
N LEU B 127 -16.70 6.84 29.24
CA LEU B 127 -16.68 8.25 29.57
C LEU B 127 -18.05 8.80 29.23
N PRO B 128 -18.67 9.50 30.19
CA PRO B 128 -20.03 9.99 30.03
C PRO B 128 -20.02 11.27 29.16
N PRO B 129 -21.19 11.77 28.78
CA PRO B 129 -21.21 12.95 27.91
C PRO B 129 -20.60 14.15 28.62
N SER B 130 -20.05 15.08 27.87
CA SER B 130 -19.63 16.33 28.47
C SER B 130 -20.87 17.08 29.00
N ARG B 131 -20.73 17.73 30.15
CA ARG B 131 -21.73 18.66 30.65
C ARG B 131 -22.23 19.54 29.50
N ASP B 132 -21.30 19.93 28.64
CA ASP B 132 -21.61 20.79 27.51
C ASP B 132 -22.49 20.16 26.45
N GLU B 133 -22.39 18.84 26.29
CA GLU B 133 -23.21 18.21 25.28
C GLU B 133 -24.64 18.06 25.79
N LEU B 134 -24.83 18.15 27.11
CA LEU B 134 -26.14 17.82 27.69
C LEU B 134 -27.27 18.78 27.29
N THR B 135 -26.96 19.76 26.45
CA THR B 135 -28.00 20.66 25.98
C THR B 135 -28.57 20.20 24.65
N LYS B 136 -27.93 19.19 24.05
CA LYS B 136 -28.42 18.62 22.79
C LYS B 136 -29.49 17.58 23.08
N ASN B 137 -30.21 17.17 22.04
CA ASN B 137 -31.22 16.14 22.17
C ASN B 137 -30.64 14.73 22.13
N GLN B 138 -29.46 14.60 21.51
CA GLN B 138 -28.71 13.35 21.54
C GLN B 138 -27.35 13.58 22.20
N VAL B 139 -26.88 12.57 22.93
CA VAL B 139 -25.61 12.69 23.62
C VAL B 139 -24.64 11.56 23.25
N SER B 140 -23.36 11.78 23.51
CA SER B 140 -22.31 10.86 23.10
C SER B 140 -21.79 10.10 24.31
N LEU B 141 -21.92 8.77 24.27
CA LEU B 141 -21.28 7.91 25.25
C LEU B 141 -19.99 7.42 24.63
N THR B 142 -18.90 7.51 25.39
CA THR B 142 -17.59 7.26 24.83
C THR B 142 -16.95 6.04 25.47
N CYS B 143 -16.41 5.17 24.63
CA CYS B 143 -15.64 4.03 25.09
C CYS B 143 -14.22 4.16 24.58
N LEU B 144 -13.29 4.32 25.49
CA LEU B 144 -11.87 4.39 25.18
C LEU B 144 -11.24 3.02 25.41
N VAL B 145 -10.61 2.48 24.37
CA VAL B 145 -9.95 1.18 24.45
C VAL B 145 -8.47 1.36 24.10
N LYS B 146 -7.58 1.13 25.05
CA LYS B 146 -6.19 1.44 24.78
C LYS B 146 -5.24 0.35 25.24
N GLY B 147 -4.02 0.42 24.71
CA GLY B 147 -2.93 -0.41 25.19
C GLY B 147 -3.03 -1.83 24.67
N PHE B 148 -3.75 -2.04 23.58
CA PHE B 148 -3.88 -3.37 23.02
C PHE B 148 -2.91 -3.71 21.90
N TYR B 149 -2.61 -5.00 21.80
CA TYR B 149 -1.81 -5.54 20.71
C TYR B 149 -2.11 -7.02 20.59
N PRO B 150 -2.31 -7.51 19.36
CA PRO B 150 -2.38 -6.80 18.09
C PRO B 150 -3.56 -5.85 17.96
N SER B 151 -3.67 -5.21 16.80
CA SER B 151 -4.71 -4.21 16.55
C SER B 151 -6.06 -4.80 16.24
N ASP B 152 -6.11 -6.13 16.03
CA ASP B 152 -7.35 -6.84 15.74
C ASP B 152 -8.27 -6.82 16.97
N ILE B 153 -9.46 -6.27 16.82
CA ILE B 153 -10.32 -6.07 17.98
C ILE B 153 -11.73 -5.84 17.49
N ALA B 154 -12.71 -6.15 18.34
CA ALA B 154 -14.09 -5.82 18.04
C ALA B 154 -14.74 -5.11 19.22
N VAL B 155 -15.58 -4.15 18.90
CA VAL B 155 -16.21 -3.31 19.90
C VAL B 155 -17.67 -3.14 19.56
N GLU B 156 -18.54 -3.42 20.52
CA GLU B 156 -19.96 -3.22 20.32
C GLU B 156 -20.53 -2.59 21.57
N TRP B 157 -21.82 -2.26 21.52
CA TRP B 157 -22.48 -1.61 22.63
C TRP B 157 -23.79 -2.35 22.91
N GLU B 158 -24.22 -2.29 24.16
CA GLU B 158 -25.41 -3.00 24.59
C GLU B 158 -26.10 -2.16 25.65
N SER B 159 -27.41 -2.36 25.80
CA SER B 159 -28.13 -1.90 26.97
C SER B 159 -29.27 -2.84 27.34
N ASN B 160 -29.44 -3.09 28.64
CA ASN B 160 -30.53 -3.95 29.13
C ASN B 160 -30.67 -5.25 28.36
N GLY B 161 -29.55 -5.92 28.08
CA GLY B 161 -29.58 -7.20 27.35
C GLY B 161 -29.82 -7.10 25.85
N GLN B 162 -29.89 -5.89 25.32
CA GLN B 162 -30.17 -5.69 23.90
C GLN B 162 -29.06 -4.88 23.22
N PRO B 163 -28.75 -5.19 21.96
CA PRO B 163 -27.69 -4.51 21.22
C PRO B 163 -28.03 -3.04 20.98
N GLU B 164 -27.03 -2.17 21.12
CA GLU B 164 -27.24 -0.78 20.75
C GLU B 164 -26.41 -0.49 19.50
N ASN B 165 -27.07 -0.17 18.39
CA ASN B 165 -26.36 -0.10 17.13
C ASN B 165 -26.01 1.29 16.61
N ASN B 166 -26.43 2.32 17.32
CA ASN B 166 -26.20 3.67 16.83
C ASN B 166 -24.80 4.21 17.24
N TYR B 167 -23.76 3.50 16.82
CA TYR B 167 -22.40 3.84 17.23
C TYR B 167 -21.43 3.88 16.06
N LYS B 168 -20.36 4.66 16.23
CA LYS B 168 -19.25 4.62 15.29
C LYS B 168 -17.97 4.44 16.07
N THR B 169 -17.04 3.73 15.47
CA THR B 169 -15.80 3.38 16.14
C THR B 169 -14.64 3.76 15.24
N THR B 170 -13.61 4.38 15.80
CA THR B 170 -12.46 4.78 15.02
C THR B 170 -11.59 3.56 14.69
N PRO B 171 -10.79 3.67 13.62
CA PRO B 171 -9.80 2.62 13.40
C PRO B 171 -8.81 2.57 14.56
N PRO B 172 -8.12 1.45 14.75
CA PRO B 172 -7.06 1.42 15.75
C PRO B 172 -6.00 2.46 15.38
N VAL B 173 -5.43 3.12 16.40
CA VAL B 173 -4.40 4.12 16.20
C VAL B 173 -3.17 3.67 16.96
N LEU B 174 -2.02 3.68 16.29
CA LEU B 174 -0.79 3.27 16.92
C LEU B 174 -0.38 4.32 17.96
N ASP B 175 -0.24 3.90 19.21
CA ASP B 175 0.11 4.81 20.28
C ASP B 175 1.64 4.85 20.39
N SER B 176 2.14 5.67 21.29
CA SER B 176 3.57 5.96 21.34
C SER B 176 4.39 4.91 22.09
N ASP B 177 3.73 3.86 22.60
CA ASP B 177 4.46 2.77 23.24
C ASP B 177 4.41 1.51 22.40
N GLY B 178 3.92 1.65 21.17
CA GLY B 178 3.78 0.49 20.28
C GLY B 178 2.48 -0.29 20.41
N SER B 179 1.64 0.06 21.39
CA SER B 179 0.31 -0.52 21.47
C SER B 179 -0.68 0.29 20.63
N PHE B 180 -1.91 -0.20 20.50
CA PHE B 180 -2.97 0.54 19.80
C PHE B 180 -4.04 1.07 20.75
N PHE B 181 -4.77 2.08 20.30
CA PHE B 181 -5.99 2.50 20.98
C PHE B 181 -7.06 2.87 19.98
N LEU B 182 -8.29 2.97 20.45
CA LEU B 182 -9.37 3.48 19.60
C LEU B 182 -10.45 4.09 20.47
N TYR B 183 -11.37 4.82 19.86
CA TYR B 183 -12.55 5.25 20.57
C TYR B 183 -13.79 4.77 19.84
N SER B 184 -14.79 4.34 20.59
CA SER B 184 -16.11 4.12 20.04
C SER B 184 -17.10 5.11 20.62
N LYS B 185 -17.96 5.62 19.76
CA LYS B 185 -18.93 6.62 20.14
C LYS B 185 -20.36 6.10 19.90
N LEU B 186 -21.11 5.90 20.98
CA LEU B 186 -22.54 5.58 20.90
C LEU B 186 -23.40 6.83 21.12
N THR B 187 -24.22 7.15 20.12
CA THR B 187 -25.15 8.27 20.21
C THR B 187 -26.53 7.78 20.64
N VAL B 188 -27.02 8.30 21.77
CA VAL B 188 -28.34 7.95 22.29
C VAL B 188 -29.18 9.22 22.55
N ASP B 189 -30.50 9.09 22.44
CA ASP B 189 -31.40 10.15 22.88
C ASP B 189 -31.13 10.49 24.35
N LYS B 190 -31.08 11.79 24.64
CA LYS B 190 -30.76 12.26 25.99
C LYS B 190 -31.71 11.70 27.04
N SER B 191 -32.99 11.66 26.69
CA SER B 191 -34.00 11.12 27.60
C SER B 191 -33.63 9.71 28.09
N ARG B 192 -33.09 8.88 27.20
CA ARG B 192 -32.67 7.53 27.59
C ARG B 192 -31.57 7.56 28.64
N TRP B 193 -30.64 8.51 28.49
CA TRP B 193 -29.58 8.70 29.47
C TRP B 193 -30.13 9.25 30.78
N GLN B 194 -31.05 10.21 30.66
CA GLN B 194 -31.63 10.86 31.84
C GLN B 194 -32.45 9.87 32.70
N GLN B 195 -32.99 8.86 32.05
CA GLN B 195 -33.82 7.88 32.75
C GLN B 195 -32.98 6.99 33.66
N GLY B 196 -31.68 6.96 33.43
CA GLY B 196 -30.80 6.17 34.28
C GLY B 196 -30.43 4.81 33.69
N ASN B 197 -30.76 4.61 32.43
CA ASN B 197 -30.37 3.36 31.75
C ASN B 197 -28.85 3.15 31.75
N VAL B 198 -28.44 1.90 31.91
CA VAL B 198 -27.04 1.53 31.91
C VAL B 198 -26.67 1.09 30.50
N PHE B 199 -25.65 1.73 29.94
CA PHE B 199 -25.14 1.33 28.63
C PHE B 199 -23.79 0.66 28.81
N SER B 200 -23.47 -0.28 27.93
CA SER B 200 -22.25 -1.05 28.07
C SER B 200 -21.47 -1.14 26.77
N CYS B 201 -20.17 -0.90 26.88
CA CYS B 201 -19.22 -1.07 25.82
C CYS B 201 -18.65 -2.48 25.96
N SER B 202 -18.81 -3.29 24.91
CA SER B 202 -18.31 -4.68 24.87
C SER B 202 -17.10 -4.76 23.96
N VAL B 203 -16.01 -5.28 24.49
CA VAL B 203 -14.78 -5.35 23.74
C VAL B 203 -14.30 -6.81 23.65
N MET B 204 -13.96 -7.24 22.44
CA MET B 204 -13.45 -8.57 22.25
C MET B 204 -12.02 -8.53 21.71
N HIS B 205 -11.10 -9.23 22.38
CA HIS B 205 -9.70 -9.24 21.98
C HIS B 205 -9.02 -10.48 22.57
N GLU B 206 -7.97 -10.96 21.89
CA GLU B 206 -7.40 -12.26 22.22
C GLU B 206 -6.74 -12.25 23.59
N ALA B 207 -6.31 -11.07 24.03
CA ALA B 207 -5.57 -10.94 25.28
C ALA B 207 -6.49 -10.60 26.46
N LEU B 208 -7.79 -10.50 26.21
CA LEU B 208 -8.75 -10.43 27.32
C LEU B 208 -9.14 -11.83 27.79
N HIS B 209 -9.45 -11.97 29.07
CA HIS B 209 -9.97 -13.22 29.59
C HIS B 209 -11.28 -13.56 28.89
N ASN B 210 -11.40 -14.82 28.46
CA ASN B 210 -12.55 -15.27 27.65
C ASN B 210 -12.73 -14.43 26.38
N HIS B 211 -11.70 -13.70 25.98
CA HIS B 211 -11.77 -12.88 24.78
C HIS B 211 -12.83 -11.78 24.89
N TYR B 212 -13.20 -11.42 26.11
CA TYR B 212 -14.37 -10.58 26.32
C TYR B 212 -14.24 -9.75 27.59
N THR B 213 -14.59 -8.48 27.48
CA THR B 213 -14.81 -7.66 28.64
C THR B 213 -15.87 -6.63 28.31
N GLN B 214 -16.46 -6.07 29.36
CA GLN B 214 -17.59 -5.17 29.21
C GLN B 214 -17.48 -4.12 30.30
N LYS B 215 -17.65 -2.86 29.93
CA LYS B 215 -17.65 -1.76 30.90
C LYS B 215 -18.94 -0.99 30.75
N SER B 216 -19.50 -0.55 31.86
CA SER B 216 -20.83 0.02 31.82
C SER B 216 -20.75 1.49 32.17
N LEU B 217 -21.82 2.22 31.86
CA LEU B 217 -21.82 3.67 31.98
C LEU B 217 -23.28 4.09 32.21
N SER B 218 -23.53 4.94 33.22
CA SER B 218 -24.88 5.48 33.45
C SER B 218 -24.87 6.83 34.17
N LEU B 219 -26.01 7.52 34.15
CA LEU B 219 -26.18 8.76 34.90
C LEU B 219 -25.68 8.62 36.35
N SER B 220 -24.77 9.49 36.75
CA SER B 220 -24.37 9.53 38.15
C SER B 220 -24.47 10.95 38.72
N LEU C 3 40.01 -33.92 -37.19
CA LEU C 3 40.39 -32.53 -36.80
C LEU C 3 39.17 -31.60 -36.74
N PRO C 4 38.41 -31.49 -37.84
CA PRO C 4 37.27 -30.59 -37.87
C PRO C 4 36.22 -30.97 -36.82
N LYS C 5 36.21 -30.25 -35.71
CA LYS C 5 35.22 -30.45 -34.65
C LYS C 5 33.94 -29.68 -34.96
N ALA C 6 33.13 -29.42 -33.93
CA ALA C 6 31.88 -28.69 -34.10
C ALA C 6 31.59 -27.75 -32.93
N VAL C 7 30.87 -26.68 -33.22
CA VAL C 7 30.46 -25.73 -32.19
C VAL C 7 29.00 -25.32 -32.41
N VAL C 8 28.27 -25.18 -31.31
CA VAL C 8 26.87 -24.75 -31.37
C VAL C 8 26.76 -23.24 -31.16
N PHE C 9 25.81 -22.62 -31.87
CA PHE C 9 25.56 -21.18 -31.74
C PHE C 9 24.05 -20.86 -31.67
N LEU C 10 23.67 -20.03 -30.69
CA LEU C 10 22.26 -19.77 -30.42
C LEU C 10 21.78 -18.48 -31.10
N GLU C 11 20.60 -18.55 -31.72
CA GLU C 11 19.95 -17.34 -32.22
C GLU C 11 18.55 -17.15 -31.63
N PRO C 12 18.38 -16.10 -30.82
CA PRO C 12 19.40 -15.11 -30.48
C PRO C 12 20.42 -15.70 -29.52
N GLN C 13 21.48 -14.95 -29.25
CA GLN C 13 22.60 -15.47 -28.49
C GLN C 13 22.32 -15.83 -27.04
N TRP C 14 21.18 -15.39 -26.50
CA TRP C 14 20.93 -15.54 -25.06
C TRP C 14 20.79 -17.02 -24.70
N TYR C 15 21.59 -17.48 -23.75
CA TYR C 15 21.50 -18.86 -23.30
C TYR C 15 20.50 -19.04 -22.14
N ARG C 16 20.27 -17.97 -21.38
CA ARG C 16 19.14 -17.92 -20.44
C ARG C 16 17.92 -17.35 -21.13
N VAL C 17 16.87 -18.15 -21.25
CA VAL C 17 15.65 -17.71 -21.92
C VAL C 17 14.45 -17.88 -21.01
N LEU C 18 13.30 -17.42 -21.49
CA LEU C 18 12.09 -17.47 -20.69
C LEU C 18 11.17 -18.45 -21.40
N GLU C 19 10.31 -19.12 -20.63
CA GLU C 19 9.31 -19.99 -21.21
C GLU C 19 8.55 -19.22 -22.27
N LYS C 20 8.31 -19.87 -23.41
CA LYS C 20 7.60 -19.27 -24.53
C LYS C 20 8.50 -18.51 -25.49
N ASP C 21 9.79 -18.38 -25.12
CA ASP C 21 10.79 -17.79 -26.02
C ASP C 21 11.15 -18.72 -27.19
N SER C 22 11.33 -18.13 -28.38
CA SER C 22 11.87 -18.84 -29.54
C SER C 22 13.39 -18.89 -29.46
N VAL C 23 13.94 -20.08 -29.65
CA VAL C 23 15.38 -20.24 -29.76
C VAL C 23 15.73 -20.94 -31.07
N THR C 24 16.92 -20.67 -31.57
CA THR C 24 17.46 -21.38 -32.72
C THR C 24 18.90 -21.79 -32.42
N LEU C 25 19.16 -23.09 -32.42
CA LEU C 25 20.51 -23.59 -32.20
C LEU C 25 21.21 -23.91 -33.53
N LYS C 26 22.42 -23.38 -33.68
CA LYS C 26 23.21 -23.58 -34.90
C LYS C 26 24.28 -24.65 -34.69
N CYS C 27 24.36 -25.57 -35.64
CA CYS C 27 25.48 -26.52 -35.69
C CYS C 27 26.45 -26.12 -36.78
N GLN C 28 27.73 -26.00 -36.41
CA GLN C 28 28.76 -25.53 -37.32
C GLN C 28 29.41 -26.68 -38.08
N GLN C 39 23.60 -33.84 -36.76
CA GLN C 39 22.82 -34.59 -35.78
C GLN C 39 22.93 -33.99 -34.38
N TRP C 40 21.81 -33.99 -33.65
CA TRP C 40 21.68 -33.23 -32.43
C TRP C 40 21.54 -34.10 -31.19
N PHE C 41 22.19 -33.68 -30.10
CA PHE C 41 22.15 -34.41 -28.83
C PHE C 41 21.54 -33.56 -27.71
N HIS C 42 20.29 -33.83 -27.38
CA HIS C 42 19.64 -33.17 -26.23
C HIS C 42 19.86 -33.99 -24.96
N ASN C 43 20.61 -33.44 -24.01
CA ASN C 43 20.98 -34.17 -22.80
C ASN C 43 21.61 -35.52 -23.12
N GLU C 44 22.16 -35.63 -24.32
CA GLU C 44 22.80 -36.85 -24.82
C GLU C 44 21.79 -37.88 -25.33
N SER C 45 21.01 -37.49 -26.34
CA SER C 45 20.06 -38.41 -26.96
C SER C 45 20.02 -38.22 -28.46
N LEU C 46 18.85 -37.87 -28.98
CA LEU C 46 18.70 -37.57 -30.39
C LEU C 46 17.64 -36.50 -30.58
N ILE C 47 17.04 -36.47 -31.77
CA ILE C 47 16.01 -35.49 -32.09
C ILE C 47 15.21 -35.96 -33.29
N SER C 48 14.01 -35.40 -33.42
CA SER C 48 13.10 -35.74 -34.51
C SER C 48 13.65 -35.31 -35.89
N SER C 49 14.66 -34.45 -35.88
CA SER C 49 15.23 -33.93 -37.13
C SER C 49 16.73 -33.66 -37.02
N GLN C 50 17.49 -34.23 -37.95
CA GLN C 50 18.94 -33.98 -38.05
C GLN C 50 19.23 -32.94 -39.13
N ALA C 51 18.34 -31.94 -39.26
CA ALA C 51 18.57 -30.82 -40.16
C ALA C 51 19.77 -29.99 -39.73
N SER C 52 19.91 -28.81 -40.32
CA SER C 52 21.08 -27.97 -40.06
C SER C 52 20.97 -27.26 -38.70
N SER C 53 19.80 -26.69 -38.44
CA SER C 53 19.55 -25.97 -37.19
C SER C 53 18.30 -26.50 -36.48
N TYR C 54 18.43 -26.71 -35.17
CA TYR C 54 17.30 -27.13 -34.35
C TYR C 54 16.51 -25.93 -33.83
N PHE C 55 15.20 -25.91 -34.13
CA PHE C 55 14.36 -24.76 -33.81
C PHE C 55 13.35 -25.04 -32.70
N ILE C 56 13.45 -24.28 -31.62
CA ILE C 56 12.46 -24.33 -30.54
C ILE C 56 11.51 -23.14 -30.64
N ASP C 57 10.25 -23.41 -30.95
CA ASP C 57 9.27 -22.36 -31.17
C ASP C 57 8.83 -21.67 -29.87
N ALA C 58 8.63 -22.46 -28.82
CA ALA C 58 8.08 -21.94 -27.58
C ALA C 58 8.66 -22.74 -26.42
N ALA C 59 9.75 -22.24 -25.86
CA ALA C 59 10.49 -23.01 -24.87
C ALA C 59 9.63 -23.37 -23.66
N THR C 60 9.99 -24.48 -23.01
CA THR C 60 9.46 -24.86 -21.72
C THR C 60 10.65 -25.36 -20.91
N VAL C 61 10.45 -25.57 -19.62
CA VAL C 61 11.56 -25.89 -18.74
C VAL C 61 12.25 -27.19 -19.14
N ASP C 62 11.55 -28.06 -19.88
CA ASP C 62 12.13 -29.33 -20.31
C ASP C 62 13.16 -29.12 -21.43
N ASP C 63 13.03 -28.01 -22.15
CA ASP C 63 13.99 -27.65 -23.19
C ASP C 63 15.36 -27.27 -22.63
N SER C 64 15.43 -27.10 -21.32
CA SER C 64 16.70 -26.72 -20.68
C SER C 64 17.73 -27.83 -20.81
N GLY C 65 18.95 -27.57 -20.37
CA GLY C 65 19.98 -28.60 -20.28
C GLY C 65 21.11 -28.46 -21.28
N GLU C 66 21.62 -29.59 -21.76
CA GLU C 66 22.89 -29.62 -22.50
C GLU C 66 22.70 -30.05 -23.95
N TYR C 67 23.31 -29.29 -24.85
CA TYR C 67 23.22 -29.59 -26.28
C TYR C 67 24.61 -29.77 -26.89
N ARG C 68 24.79 -30.88 -27.60
CA ARG C 68 25.95 -31.07 -28.46
C ARG C 68 25.48 -31.36 -29.88
N CYS C 69 26.37 -31.16 -30.84
CA CYS C 69 26.04 -31.44 -32.24
C CYS C 69 27.22 -32.02 -33.01
N GLN C 70 26.93 -32.55 -34.21
CA GLN C 70 27.93 -33.25 -35.00
C GLN C 70 27.42 -33.52 -36.42
N THR C 71 28.30 -33.38 -37.39
CA THR C 71 27.95 -33.53 -38.81
C THR C 71 28.79 -34.62 -39.50
N GLN C 72 28.32 -35.08 -40.65
CA GLN C 72 29.03 -36.09 -41.44
C GLN C 72 30.53 -35.79 -41.56
N LEU C 73 30.88 -34.50 -41.59
CA LEU C 73 32.27 -34.09 -41.80
C LEU C 73 32.97 -33.61 -40.53
N SER C 74 32.25 -33.57 -39.41
CA SER C 74 32.75 -32.92 -38.21
C SER C 74 32.39 -33.71 -36.95
N THR C 75 33.28 -33.65 -35.96
CA THR C 75 33.11 -34.46 -34.74
C THR C 75 32.07 -33.90 -33.77
N LEU C 76 31.98 -34.52 -32.60
CA LEU C 76 31.00 -34.12 -31.58
C LEU C 76 31.34 -32.77 -30.95
N SER C 77 30.38 -31.85 -30.97
CA SER C 77 30.59 -30.48 -30.54
C SER C 77 30.79 -30.38 -29.03
N ASP C 78 31.27 -29.22 -28.58
CA ASP C 78 31.37 -28.96 -27.14
C ASP C 78 29.98 -28.89 -26.50
N PRO C 79 29.93 -28.95 -25.16
CA PRO C 79 28.66 -28.80 -24.44
C PRO C 79 28.19 -27.34 -24.41
N VAL C 80 26.93 -27.11 -24.78
CA VAL C 80 26.34 -25.78 -24.71
C VAL C 80 25.05 -25.78 -23.89
N GLN C 81 25.09 -25.15 -22.73
CA GLN C 81 23.99 -25.20 -21.77
C GLN C 81 22.89 -24.18 -22.07
N LEU C 82 21.65 -24.66 -22.23
CA LEU C 82 20.48 -23.77 -22.34
C LEU C 82 19.64 -23.78 -21.07
N GLU C 83 19.54 -22.63 -20.41
CA GLU C 83 18.67 -22.47 -19.24
C GLU C 83 17.34 -21.84 -19.64
N VAL C 84 16.24 -22.54 -19.39
CA VAL C 84 14.92 -22.00 -19.64
C VAL C 84 14.30 -21.67 -18.30
N HIS C 85 13.93 -20.40 -18.13
CA HIS C 85 13.49 -19.89 -16.85
C HIS C 85 12.00 -19.62 -16.86
N ILE C 86 11.44 -19.45 -15.66
CA ILE C 86 10.04 -19.12 -15.48
C ILE C 86 10.00 -17.74 -14.81
N GLY C 87 9.18 -16.84 -15.31
CA GLY C 87 9.06 -15.54 -14.66
C GLY C 87 8.58 -14.45 -15.59
N TRP C 88 8.30 -13.28 -15.02
CA TRP C 88 8.00 -12.10 -15.80
C TRP C 88 9.23 -11.53 -16.49
N LEU C 89 10.36 -11.52 -15.79
CA LEU C 89 11.53 -10.81 -16.30
C LEU C 89 12.76 -11.68 -16.20
N LEU C 90 13.67 -11.55 -17.15
CA LEU C 90 14.94 -12.26 -17.10
C LEU C 90 16.07 -11.37 -17.56
N LEU C 91 17.09 -11.22 -16.72
CA LEU C 91 18.26 -10.42 -17.10
C LEU C 91 19.20 -11.28 -17.93
N GLN C 92 19.24 -11.06 -19.23
CA GLN C 92 20.13 -11.78 -20.15
C GLN C 92 21.46 -11.06 -20.35
N ALA C 93 22.53 -11.85 -20.46
CA ALA C 93 23.83 -11.34 -20.91
C ALA C 93 24.53 -12.45 -21.69
N PRO C 94 25.51 -12.09 -22.55
CA PRO C 94 26.25 -13.10 -23.30
C PRO C 94 27.07 -14.03 -22.38
N ARG C 95 27.34 -13.58 -21.16
CA ARG C 95 28.05 -14.38 -20.16
C ARG C 95 28.20 -13.53 -18.92
N TRP C 96 28.85 -14.07 -17.88
CA TRP C 96 28.80 -13.42 -16.57
C TRP C 96 30.18 -13.06 -16.00
N VAL C 97 31.22 -13.30 -16.79
CA VAL C 97 32.57 -12.89 -16.42
C VAL C 97 33.20 -12.08 -17.56
N PHE C 98 33.81 -10.96 -17.21
CA PHE C 98 34.33 -10.04 -18.21
C PHE C 98 35.72 -9.55 -17.86
N LYS C 99 36.51 -9.21 -18.87
CA LYS C 99 37.82 -8.61 -18.62
C LYS C 99 37.67 -7.09 -18.56
N GLU C 100 38.56 -6.43 -17.85
CA GLU C 100 38.58 -4.98 -17.83
C GLU C 100 38.43 -4.45 -19.25
N GLU C 101 37.68 -3.36 -19.40
CA GLU C 101 37.52 -2.72 -20.71
C GLU C 101 36.67 -3.54 -21.67
N ASP C 102 36.21 -4.71 -21.24
CA ASP C 102 35.22 -5.49 -22.00
C ASP C 102 33.86 -4.77 -22.05
N PRO C 103 33.12 -4.95 -23.15
CA PRO C 103 31.75 -4.44 -23.25
C PRO C 103 30.71 -5.39 -22.66
N ILE C 104 29.87 -4.86 -21.77
CA ILE C 104 28.84 -5.67 -21.10
C ILE C 104 27.44 -5.34 -21.60
N HIS C 105 26.80 -6.30 -22.24
CA HIS C 105 25.51 -6.10 -22.88
C HIS C 105 24.38 -6.80 -22.12
N LEU C 106 23.57 -6.02 -21.41
CA LEU C 106 22.49 -6.58 -20.59
C LEU C 106 21.13 -6.30 -21.23
N ARG C 107 20.23 -7.27 -21.12
CA ARG C 107 18.90 -7.14 -21.67
C ARG C 107 17.87 -7.58 -20.62
N CYS C 108 16.89 -6.72 -20.38
CA CYS C 108 15.83 -7.04 -19.44
C CYS C 108 14.69 -7.61 -20.24
N HIS C 109 14.65 -8.93 -20.30
CA HIS C 109 13.72 -9.57 -21.22
C HIS C 109 12.43 -9.86 -20.47
N SER C 110 11.31 -9.42 -21.04
CA SER C 110 10.01 -9.68 -20.47
C SER C 110 9.33 -10.89 -21.15
N TRP C 111 8.65 -11.68 -20.32
CA TRP C 111 7.84 -12.83 -20.76
C TRP C 111 6.97 -12.43 -21.93
N LYS C 112 7.10 -13.18 -23.03
CA LYS C 112 6.35 -12.94 -24.26
C LYS C 112 6.58 -11.54 -24.83
N ASN C 113 7.73 -10.95 -24.49
CA ASN C 113 7.99 -9.59 -24.93
C ASN C 113 6.89 -8.63 -24.58
N THR C 114 6.17 -8.92 -23.50
CA THR C 114 5.13 -8.00 -23.03
C THR C 114 5.76 -6.62 -22.80
N ALA C 115 5.03 -5.57 -23.19
CA ALA C 115 5.54 -4.20 -23.06
C ALA C 115 5.95 -3.91 -21.62
N LEU C 116 7.18 -3.43 -21.46
CA LEU C 116 7.69 -3.12 -20.14
C LEU C 116 8.14 -1.67 -20.12
N HIS C 117 7.71 -0.92 -19.10
CA HIS C 117 8.05 0.50 -19.01
C HIS C 117 8.63 0.84 -17.63
N LYS C 118 9.19 2.05 -17.50
CA LYS C 118 9.84 2.46 -16.24
C LYS C 118 10.80 1.38 -15.76
N VAL C 119 11.80 1.08 -16.59
CA VAL C 119 12.72 -0.02 -16.35
C VAL C 119 13.97 0.44 -15.63
N THR C 120 14.35 -0.25 -14.56
CA THR C 120 15.59 0.04 -13.85
C THR C 120 16.48 -1.21 -13.85
N TYR C 121 17.76 -1.03 -14.22
CA TYR C 121 18.79 -2.04 -13.99
C TYR C 121 19.49 -1.69 -12.69
N LEU C 122 19.54 -2.63 -11.76
CA LEU C 122 20.15 -2.38 -10.47
C LEU C 122 21.47 -3.13 -10.32
N GLN C 123 22.42 -2.49 -9.64
CA GLN C 123 23.64 -3.14 -9.22
C GLN C 123 23.77 -3.09 -7.72
N ASN C 124 23.95 -4.26 -7.11
CA ASN C 124 24.08 -4.37 -5.68
C ASN C 124 22.97 -3.61 -4.94
N GLY C 125 21.74 -3.75 -5.43
CA GLY C 125 20.58 -3.19 -4.74
C GLY C 125 20.33 -1.71 -5.03
N LYS C 126 21.20 -1.12 -5.84
CA LYS C 126 21.07 0.29 -6.16
C LYS C 126 20.77 0.49 -7.64
N GLY C 127 19.71 1.24 -7.91
CA GLY C 127 19.41 1.65 -9.28
C GLY C 127 20.64 2.21 -9.98
N ARG C 128 20.95 1.70 -11.15
CA ARG C 128 22.15 2.10 -11.86
C ARG C 128 21.78 2.83 -13.15
N LYS C 129 20.72 2.37 -13.81
CA LYS C 129 20.24 3.00 -15.02
C LYS C 129 18.73 2.87 -15.15
N TYR C 130 18.07 3.96 -15.53
CA TYR C 130 16.63 3.95 -15.67
C TYR C 130 16.23 4.33 -17.10
N PHE C 131 15.21 3.65 -17.62
CA PHE C 131 14.67 3.93 -18.94
C PHE C 131 13.15 4.05 -18.86
N HIS C 132 12.57 5.00 -19.61
CA HIS C 132 11.12 5.11 -19.70
C HIS C 132 10.50 3.89 -20.33
N HIS C 133 11.11 3.42 -21.42
CA HIS C 133 10.66 2.21 -22.11
C HIS C 133 11.80 1.17 -22.13
N ASN C 134 11.45 -0.12 -22.14
CA ASN C 134 12.48 -1.16 -22.08
C ASN C 134 13.56 -0.91 -23.12
N SER C 135 14.80 -0.82 -22.67
CA SER C 135 15.97 -0.82 -23.55
C SER C 135 17.01 -1.69 -22.90
N ASP C 136 17.89 -2.26 -23.72
CA ASP C 136 19.07 -2.91 -23.18
C ASP C 136 19.99 -1.91 -22.49
N PHE C 137 20.76 -2.39 -21.52
CA PHE C 137 21.74 -1.58 -20.83
C PHE C 137 23.14 -2.01 -21.27
N TYR C 138 23.81 -1.15 -22.02
CA TYR C 138 25.05 -1.50 -22.66
C TYR C 138 26.17 -0.73 -22.02
N ILE C 139 27.06 -1.42 -21.35
CA ILE C 139 28.26 -0.82 -20.79
C ILE C 139 29.41 -1.07 -21.76
N PRO C 140 29.93 -0.01 -22.38
CA PRO C 140 30.94 -0.17 -23.44
C PRO C 140 32.31 -0.59 -22.90
N LYS C 141 32.60 -0.24 -21.65
CA LYS C 141 33.96 -0.29 -21.12
C LYS C 141 34.01 -0.82 -19.69
N ALA C 142 34.06 -2.14 -19.53
CA ALA C 142 33.98 -2.73 -18.20
C ALA C 142 35.10 -2.22 -17.31
N THR C 143 34.80 -1.97 -16.04
CA THR C 143 35.81 -1.72 -15.04
C THR C 143 35.56 -2.62 -13.82
N LEU C 144 36.50 -2.62 -12.89
CA LEU C 144 36.37 -3.47 -11.70
C LEU C 144 35.12 -3.10 -10.92
N LYS C 145 34.65 -1.87 -11.09
CA LYS C 145 33.53 -1.36 -10.29
C LYS C 145 32.21 -1.97 -10.76
N ASP C 146 32.25 -2.61 -11.92
CA ASP C 146 31.08 -3.25 -12.51
C ASP C 146 30.73 -4.61 -11.92
N SER C 147 31.57 -5.10 -11.02
CA SER C 147 31.31 -6.39 -10.35
C SER C 147 30.15 -6.24 -9.39
N GLY C 148 29.35 -7.30 -9.25
CA GLY C 148 28.29 -7.33 -8.25
C GLY C 148 27.06 -8.08 -8.74
N SER C 149 25.99 -8.05 -7.95
CA SER C 149 24.74 -8.70 -8.33
C SER C 149 23.77 -7.73 -8.99
N TYR C 150 23.31 -8.10 -10.17
CA TYR C 150 22.40 -7.29 -10.94
C TYR C 150 21.02 -7.93 -11.02
N PHE C 151 19.98 -7.09 -11.07
CA PHE C 151 18.69 -7.50 -11.60
C PHE C 151 18.02 -6.31 -12.26
N CYS C 152 16.96 -6.58 -13.00
CA CYS C 152 16.20 -5.49 -13.56
C CYS C 152 14.76 -5.55 -13.05
N ARG C 153 14.01 -4.51 -13.32
CA ARG C 153 12.61 -4.44 -12.92
C ARG C 153 11.91 -3.35 -13.71
N GLY C 154 10.58 -3.36 -13.66
CA GLY C 154 9.77 -2.48 -14.48
C GLY C 154 8.30 -2.73 -14.24
N LEU C 155 7.47 -2.04 -15.01
CA LEU C 155 6.03 -2.15 -14.92
C LEU C 155 5.51 -2.86 -16.19
N VAL C 156 4.79 -3.95 -16.01
CA VAL C 156 3.95 -4.49 -17.07
C VAL C 156 2.50 -4.08 -16.79
N GLY C 157 2.01 -3.10 -17.53
CA GLY C 157 0.76 -2.45 -17.14
C GLY C 157 0.96 -1.69 -15.83
N SER C 158 0.20 -2.04 -14.81
CA SER C 158 0.34 -1.41 -13.51
C SER C 158 1.14 -2.32 -12.58
N LYS C 159 1.46 -3.52 -13.06
CA LYS C 159 2.12 -4.50 -12.21
C LYS C 159 3.63 -4.34 -12.20
N ASN C 160 4.18 -4.28 -10.99
CA ASN C 160 5.60 -4.04 -10.79
C ASN C 160 6.30 -5.38 -10.65
N VAL C 161 7.22 -5.67 -11.56
CA VAL C 161 7.85 -6.99 -11.63
C VAL C 161 9.38 -6.89 -11.65
N SER C 162 10.03 -7.93 -11.13
CA SER C 162 11.48 -7.92 -11.10
C SER C 162 12.04 -9.29 -11.49
N SER C 163 13.24 -9.27 -12.08
CA SER C 163 13.97 -10.48 -12.43
C SER C 163 14.73 -11.00 -11.22
N GLU C 164 15.14 -12.26 -11.27
CA GLU C 164 16.08 -12.81 -10.29
C GLU C 164 17.41 -12.14 -10.50
N THR C 165 18.30 -12.22 -9.52
CA THR C 165 19.59 -11.56 -9.66
C THR C 165 20.58 -12.43 -10.41
N VAL C 166 21.60 -11.80 -10.97
CA VAL C 166 22.70 -12.51 -11.56
C VAL C 166 24.00 -11.89 -11.11
N GLN C 167 25.03 -12.69 -11.00
CA GLN C 167 26.30 -12.16 -10.51
C GLN C 167 27.21 -11.92 -11.68
N ILE C 168 27.74 -10.71 -11.75
CA ILE C 168 28.69 -10.37 -12.78
C ILE C 168 30.03 -10.18 -12.12
N THR C 169 31.07 -10.77 -12.70
CA THR C 169 32.41 -10.58 -12.16
C THR C 169 33.37 -10.09 -13.23
N ILE C 170 34.20 -9.13 -12.84
CA ILE C 170 35.16 -8.53 -13.75
C ILE C 170 36.56 -8.95 -13.34
N THR C 171 37.32 -9.47 -14.30
CA THR C 171 38.69 -9.88 -14.05
C THR C 171 39.67 -8.93 -14.71
N GLN C 172 40.89 -8.89 -14.18
CA GLN C 172 41.92 -7.99 -14.69
C GLN C 172 42.63 -8.60 -15.90
#